data_6O8I
#
_entry.id   6O8I
#
_cell.length_a   72.131
_cell.length_b   105.334
_cell.length_c   38.052
_cell.angle_alpha   90.00
_cell.angle_beta   90.00
_cell.angle_gamma   90.00
#
_symmetry.space_group_name_H-M   'P 21 21 2'
#
loop_
_entity.id
_entity.type
_entity.pdbx_description
1 polymer 'Tyrosine-protein kinase BTK'
2 non-polymer 4-[(3S)-3-{[(2E)-but-2-enoyl]amino}piperidin-1-yl]-5-fluoro-2,3-dimethyl-1H-indole-7-carboxamide
3 water water
#
_entity_poly.entity_id   1
_entity_poly.type   'polypeptide(L)'
_entity_poly.pdbx_seq_one_letter_code
;GYGSWEIDPKDLTFLKELGTGQFGVVKYGKWRGQYDVAIKMIKEGSMSEDEFIEEAKVMMNLSHEKLVQLYGVCTKQRPI
FIITEYMANGCLLNYLREMRHRFQTQQLLEMCKDVCEAMEYLESKQFLHRDLAARNCLVNDQGVVKVSDFGLSRYVLDDE
YTSSVGSKFPVRWSPPEVLMYSKFSSKSDIWAFGVLMWEIYSLGKMPYERFTNSETAEHIAQGLRLYRPHLASEKVYTIM
YSCWHEKADERPTFKILLSNILDVMDEES
;
_entity_poly.pdbx_strand_id   A
#
loop_
_chem_comp.id
_chem_comp.type
_chem_comp.name
_chem_comp.formula
LTJ non-polymer 4-[(3S)-3-{[(2E)-but-2-enoyl]amino}piperidin-1-yl]-5-fluoro-2,3-dimethyl-1H-indole-7-carboxamide 'C20 H25 F N4 O2'
#
# COMPACT_ATOMS: atom_id res chain seq x y z
N GLY A 1 18.05 -23.20 4.96
CA GLY A 1 17.05 -22.62 5.86
C GLY A 1 16.99 -21.11 5.82
N TYR A 2 16.17 -20.50 6.69
CA TYR A 2 16.00 -19.06 6.73
C TYR A 2 16.79 -18.39 7.85
N GLY A 3 17.58 -19.20 8.58
CA GLY A 3 18.45 -18.74 9.65
C GLY A 3 17.73 -18.00 10.75
N SER A 4 18.13 -16.72 10.97
CA SER A 4 17.54 -15.85 11.99
CA SER A 4 17.53 -15.86 12.00
C SER A 4 16.06 -15.55 11.71
N TRP A 5 15.61 -15.79 10.45
CA TRP A 5 14.21 -15.55 10.04
C TRP A 5 13.25 -16.66 10.47
N GLU A 6 13.75 -17.89 10.72
CA GLU A 6 12.86 -18.99 11.11
C GLU A 6 12.44 -18.81 12.57
N ILE A 7 11.12 -18.62 12.80
CA ILE A 7 10.57 -18.41 14.15
C ILE A 7 10.12 -19.76 14.73
N ASP A 8 10.37 -19.96 16.04
CA ASP A 8 9.89 -21.17 16.73
C ASP A 8 8.40 -20.94 17.02
N PRO A 9 7.47 -21.79 16.50
CA PRO A 9 6.03 -21.54 16.76
C PRO A 9 5.67 -21.67 18.25
N LYS A 10 6.55 -22.28 19.06
CA LYS A 10 6.34 -22.38 20.52
C LYS A 10 6.42 -20.98 21.16
N ASP A 11 7.02 -19.97 20.45
CA ASP A 11 7.14 -18.62 20.93
C ASP A 11 5.96 -17.73 20.57
N LEU A 12 4.91 -18.29 19.93
CA LEU A 12 3.76 -17.49 19.52
C LEU A 12 2.55 -17.77 20.38
N THR A 13 1.77 -16.72 20.65
CA THR A 13 0.48 -16.83 21.32
C THR A 13 -0.54 -16.25 20.35
N PHE A 14 -1.80 -16.71 20.43
CA PHE A 14 -2.87 -16.26 19.54
C PHE A 14 -3.92 -15.59 20.42
N LEU A 15 -4.14 -14.27 20.25
CA LEU A 15 -5.03 -13.48 21.12
C LEU A 15 -6.38 -13.10 20.53
N LYS A 16 -6.42 -12.70 19.25
CA LYS A 16 -7.66 -12.28 18.59
C LYS A 16 -7.61 -12.55 17.09
N GLU A 17 -8.74 -12.94 16.51
CA GLU A 17 -8.83 -13.17 15.08
C GLU A 17 -9.03 -11.80 14.38
N LEU A 18 -8.22 -11.53 13.34
CA LEU A 18 -8.29 -10.26 12.58
C LEU A 18 -9.07 -10.39 11.28
N GLY A 19 -9.02 -11.58 10.69
CA GLY A 19 -9.72 -11.88 9.44
C GLY A 19 -9.53 -13.30 8.93
N THR A 20 -10.50 -13.76 8.13
CA THR A 20 -10.51 -15.08 7.48
C THR A 20 -10.76 -14.92 5.99
N GLY A 21 -9.86 -15.47 5.19
CA GLY A 21 -9.94 -15.35 3.74
C GLY A 21 -9.38 -16.51 2.95
N GLN A 22 -9.20 -16.28 1.65
CA GLN A 22 -8.71 -17.23 0.64
C GLN A 22 -7.40 -17.93 0.98
N PHE A 23 -6.40 -17.19 1.50
CA PHE A 23 -5.10 -17.76 1.83
C PHE A 23 -4.97 -18.21 3.28
N GLY A 24 -6.03 -18.04 4.08
CA GLY A 24 -6.05 -18.49 5.45
C GLY A 24 -6.54 -17.47 6.46
N VAL A 25 -6.24 -17.72 7.73
CA VAL A 25 -6.66 -16.87 8.84
C VAL A 25 -5.49 -16.03 9.36
N VAL A 26 -5.81 -14.79 9.74
CA VAL A 26 -4.85 -13.86 10.31
C VAL A 26 -5.28 -13.63 11.74
N LYS A 27 -4.33 -13.78 12.65
CA LYS A 27 -4.57 -13.57 14.05
C LYS A 27 -3.60 -12.57 14.58
N TYR A 28 -4.03 -11.82 15.60
CA TYR A 28 -3.18 -10.94 16.35
C TYR A 28 -2.68 -11.82 17.50
N GLY A 29 -1.43 -11.68 17.82
CA GLY A 29 -0.88 -12.41 18.96
C GLY A 29 0.38 -11.75 19.47
N LYS A 30 1.10 -12.50 20.31
CA LYS A 30 2.35 -12.01 20.86
C LYS A 30 3.45 -12.96 20.46
N TRP A 31 4.65 -12.42 20.34
CA TRP A 31 5.81 -13.24 20.00
C TRP A 31 6.83 -13.04 21.11
N ARG A 32 7.35 -14.16 21.66
CA ARG A 32 8.35 -14.17 22.74
C ARG A 32 7.81 -13.46 24.02
N GLY A 33 6.48 -13.41 24.14
CA GLY A 33 5.72 -12.81 25.24
C GLY A 33 5.77 -11.29 25.31
N GLN A 34 6.40 -10.62 24.33
CA GLN A 34 6.54 -9.16 24.41
C GLN A 34 6.21 -8.38 23.14
N TYR A 35 6.39 -8.98 21.95
CA TYR A 35 6.15 -8.27 20.69
C TYR A 35 4.77 -8.56 20.12
N ASP A 36 4.02 -7.50 19.79
CA ASP A 36 2.73 -7.62 19.12
C ASP A 36 2.98 -8.03 17.70
N VAL A 37 2.28 -9.03 17.23
CA VAL A 37 2.45 -9.52 15.87
C VAL A 37 1.14 -9.85 15.17
N ALA A 38 1.19 -9.90 13.84
CA ALA A 38 0.15 -10.45 13.00
C ALA A 38 0.69 -11.80 12.53
N ILE A 39 -0.12 -12.86 12.71
CA ILE A 39 0.25 -14.21 12.32
C ILE A 39 -0.68 -14.73 11.25
N LYS A 40 -0.14 -14.95 10.06
CA LYS A 40 -0.92 -15.48 8.95
C LYS A 40 -0.72 -16.99 8.94
N MET A 41 -1.81 -17.76 8.86
CA MET A 41 -1.75 -19.22 8.79
C MET A 41 -2.19 -19.59 7.38
N ILE A 42 -1.22 -19.95 6.51
CA ILE A 42 -1.43 -20.29 5.09
C ILE A 42 -2.24 -21.57 4.92
N LYS A 43 -3.44 -21.46 4.32
CA LYS A 43 -4.34 -22.60 4.07
C LYS A 43 -3.77 -23.56 3.03
N PHE A 52 6.31 -19.76 -2.58
CA PHE A 52 6.64 -19.27 -1.24
C PHE A 52 8.06 -18.72 -1.16
N ILE A 53 9.08 -19.50 -1.65
CA ILE A 53 10.50 -19.11 -1.61
C ILE A 53 10.73 -17.72 -2.25
N GLU A 54 10.20 -17.52 -3.46
CA GLU A 54 10.32 -16.28 -4.22
C GLU A 54 9.73 -15.09 -3.44
N GLU A 55 8.49 -15.25 -2.93
CA GLU A 55 7.79 -14.22 -2.16
C GLU A 55 8.44 -13.94 -0.81
N ALA A 56 9.08 -14.99 -0.23
CA ALA A 56 9.81 -14.86 1.04
C ALA A 56 11.06 -14.02 0.84
N LYS A 57 11.83 -14.28 -0.26
CA LYS A 57 13.06 -13.55 -0.59
C LYS A 57 12.77 -12.04 -0.67
N VAL A 58 11.66 -11.66 -1.32
CA VAL A 58 11.23 -10.26 -1.46
C VAL A 58 11.17 -9.55 -0.08
N MET A 59 10.47 -10.17 0.90
CA MET A 59 10.33 -9.57 2.24
C MET A 59 11.58 -9.64 3.10
N MET A 60 12.48 -10.60 2.85
CA MET A 60 13.69 -10.74 3.65
C MET A 60 14.79 -9.76 3.25
N ASN A 61 14.63 -9.09 2.10
CA ASN A 61 15.62 -8.17 1.55
C ASN A 61 15.19 -6.69 1.49
N LEU A 62 13.92 -6.39 1.88
CA LEU A 62 13.37 -5.03 1.90
C LEU A 62 13.03 -4.69 3.32
N SER A 63 13.52 -3.57 3.84
CA SER A 63 13.21 -3.13 5.18
C SER A 63 13.17 -1.60 5.28
N HIS A 64 12.08 -1.06 5.79
CA HIS A 64 11.93 0.38 5.94
C HIS A 64 10.87 0.67 7.00
N GLU A 65 11.01 1.80 7.72
CA GLU A 65 10.05 2.20 8.73
C GLU A 65 8.64 2.33 8.18
N LYS A 66 8.48 2.58 6.88
CA LYS A 66 7.14 2.75 6.30
C LYS A 66 6.73 1.57 5.42
N LEU A 67 7.37 0.41 5.58
CA LEU A 67 6.92 -0.83 4.96
C LEU A 67 6.54 -1.77 6.10
N VAL A 68 5.44 -2.54 5.95
CA VAL A 68 5.06 -3.49 7.01
C VAL A 68 6.12 -4.58 7.02
N GLN A 69 6.76 -4.70 8.17
CA GLN A 69 7.96 -5.54 8.37
C GLN A 69 7.71 -7.01 8.67
N LEU A 70 8.45 -7.89 7.98
CA LEU A 70 8.41 -9.32 8.25
C LEU A 70 9.29 -9.57 9.49
N TYR A 71 8.76 -10.33 10.44
CA TYR A 71 9.54 -10.70 11.63
C TYR A 71 10.08 -12.12 11.43
N GLY A 72 9.33 -12.97 10.74
CA GLY A 72 9.77 -14.32 10.46
C GLY A 72 8.71 -15.26 9.91
N VAL A 73 9.10 -16.52 9.73
CA VAL A 73 8.24 -17.55 9.16
C VAL A 73 8.39 -18.86 9.98
N CYS A 74 7.37 -19.72 9.93
CA CYS A 74 7.38 -21.06 10.54
C CYS A 74 7.14 -22.01 9.40
N THR A 75 8.21 -22.69 8.94
CA THR A 75 8.15 -23.58 7.78
C THR A 75 8.54 -25.04 8.07
N LYS A 76 8.92 -25.35 9.32
CA LYS A 76 9.30 -26.72 9.68
C LYS A 76 8.07 -27.57 9.98
N GLN A 77 6.86 -26.99 9.79
CA GLN A 77 5.55 -27.64 9.99
C GLN A 77 4.49 -27.12 9.00
N ARG A 78 3.33 -27.80 8.95
CA ARG A 78 2.20 -27.45 8.10
C ARG A 78 0.92 -27.29 8.94
N PRO A 79 0.10 -26.23 8.74
CA PRO A 79 0.25 -25.13 7.76
C PRO A 79 1.35 -24.13 8.15
N ILE A 80 1.94 -23.47 7.14
CA ILE A 80 3.00 -22.48 7.30
C ILE A 80 2.45 -21.22 8.00
N PHE A 81 3.29 -20.56 8.83
CA PHE A 81 2.96 -19.29 9.47
C PHE A 81 3.86 -18.20 8.90
N ILE A 82 3.30 -17.00 8.72
CA ILE A 82 4.04 -15.81 8.29
C ILE A 82 3.82 -14.79 9.44
N ILE A 83 4.91 -14.27 10.05
CA ILE A 83 4.78 -13.36 11.19
C ILE A 83 5.25 -11.97 10.81
N THR A 84 4.37 -10.98 10.94
CA THR A 84 4.77 -9.59 10.63
C THR A 84 4.46 -8.64 11.80
N GLU A 85 4.92 -7.40 11.65
CA GLU A 85 4.60 -6.32 12.57
C GLU A 85 3.06 -6.14 12.61
N TYR A 86 2.54 -5.76 13.77
CA TYR A 86 1.11 -5.59 14.00
C TYR A 86 0.70 -4.17 13.73
N MET A 87 -0.34 -4.03 12.90
CA MET A 87 -0.90 -2.75 12.48
C MET A 87 -2.35 -2.71 12.96
N ALA A 88 -2.55 -2.16 14.18
CA ALA A 88 -3.83 -2.21 14.87
C ALA A 88 -5.02 -1.60 14.14
N ASN A 89 -4.77 -0.58 13.27
CA ASN A 89 -5.89 0.06 12.59
C ASN A 89 -6.26 -0.55 11.21
N GLY A 90 -5.68 -1.70 10.85
CA GLY A 90 -6.09 -2.40 9.64
C GLY A 90 -5.74 -1.66 8.36
N CYS A 91 -6.49 -1.93 7.29
CA CYS A 91 -6.16 -1.27 6.04
C CYS A 91 -6.49 0.20 6.01
N LEU A 92 -5.65 0.96 5.27
CA LEU A 92 -5.83 2.40 5.12
C LEU A 92 -7.19 2.71 4.51
N LEU A 93 -7.65 1.93 3.52
CA LEU A 93 -8.94 2.25 2.94
C LEU A 93 -10.09 2.35 3.97
N ASN A 94 -10.20 1.35 4.87
CA ASN A 94 -11.27 1.34 5.87
C ASN A 94 -11.05 2.39 6.93
N TYR A 95 -9.79 2.67 7.25
CA TYR A 95 -9.41 3.71 8.19
C TYR A 95 -9.87 5.08 7.68
N LEU A 96 -9.62 5.38 6.40
CA LEU A 96 -10.10 6.63 5.79
C LEU A 96 -11.63 6.74 5.79
N ARG A 97 -12.33 5.60 5.59
CA ARG A 97 -13.81 5.61 5.48
C ARG A 97 -14.47 5.78 6.83
N GLU A 98 -13.72 5.56 7.93
CA GLU A 98 -14.30 5.75 9.26
C GLU A 98 -14.40 7.26 9.54
N MET A 99 -15.61 7.79 9.41
CA MET A 99 -15.81 9.23 9.58
C MET A 99 -15.58 9.75 11.01
N ARG A 100 -15.59 8.86 12.05
CA ARG A 100 -15.34 9.32 13.42
C ARG A 100 -13.92 9.85 13.64
N HIS A 101 -12.97 9.56 12.72
CA HIS A 101 -11.61 10.09 12.92
C HIS A 101 -11.54 11.59 12.68
N ARG A 102 -12.49 12.14 11.87
CA ARG A 102 -12.60 13.59 11.61
C ARG A 102 -11.22 14.17 11.34
N PHE A 103 -10.54 13.57 10.35
CA PHE A 103 -9.18 13.97 10.04
C PHE A 103 -9.00 15.41 9.65
N GLN A 104 -7.89 16.01 10.11
CA GLN A 104 -7.40 17.31 9.65
C GLN A 104 -6.57 17.05 8.37
N THR A 105 -6.49 18.06 7.50
CA THR A 105 -5.72 17.88 6.25
C THR A 105 -4.25 17.62 6.55
N GLN A 106 -3.73 18.14 7.69
CA GLN A 106 -2.36 17.86 8.09
C GLN A 106 -2.15 16.35 8.25
N GLN A 107 -3.17 15.64 8.81
CA GLN A 107 -3.09 14.20 9.03
C GLN A 107 -3.08 13.50 7.68
N LEU A 108 -3.93 13.96 6.75
CA LEU A 108 -4.02 13.35 5.42
C LEU A 108 -2.70 13.52 4.68
N LEU A 109 -2.04 14.69 4.81
CA LEU A 109 -0.77 14.87 4.13
C LEU A 109 0.31 13.96 4.71
N GLU A 110 0.28 13.76 6.06
CA GLU A 110 1.24 12.86 6.73
CA GLU A 110 1.25 12.85 6.71
C GLU A 110 1.06 11.43 6.22
N MET A 111 -0.20 10.99 5.96
CA MET A 111 -0.41 9.63 5.41
C MET A 111 0.26 9.55 4.03
N CYS A 112 0.09 10.61 3.18
CA CYS A 112 0.73 10.66 1.86
C CYS A 112 2.27 10.54 1.99
N LYS A 113 2.84 11.32 2.92
CA LYS A 113 4.29 11.31 3.11
C LYS A 113 4.76 9.93 3.58
N ASP A 114 4.01 9.27 4.51
CA ASP A 114 4.40 7.92 4.97
C ASP A 114 4.53 7.00 3.75
N VAL A 115 3.48 6.99 2.90
CA VAL A 115 3.52 6.10 1.74
C VAL A 115 4.64 6.53 0.77
N CYS A 116 4.80 7.85 0.54
CA CYS A 116 5.83 8.32 -0.40
C CYS A 116 7.21 7.90 0.06
N GLU A 117 7.47 7.91 1.38
CA GLU A 117 8.79 7.51 1.89
C GLU A 117 9.03 6.02 1.59
N ALA A 118 7.99 5.20 1.79
CA ALA A 118 8.09 3.77 1.52
C ALA A 118 8.40 3.57 0.02
N MET A 119 7.69 4.33 -0.84
CA MET A 119 7.87 4.17 -2.28
C MET A 119 9.22 4.66 -2.75
N GLU A 120 9.73 5.73 -2.14
CA GLU A 120 11.07 6.24 -2.47
CA GLU A 120 11.06 6.24 -2.48
C GLU A 120 12.11 5.18 -2.14
N TYR A 121 11.91 4.48 -1.00
CA TYR A 121 12.80 3.40 -0.62
C TYR A 121 12.72 2.27 -1.64
N LEU A 122 11.50 1.86 -2.03
CA LEU A 122 11.32 0.79 -3.00
C LEU A 122 11.96 1.16 -4.34
N GLU A 123 11.75 2.42 -4.79
CA GLU A 123 12.33 2.85 -6.05
CA GLU A 123 12.33 2.99 -6.01
C GLU A 123 13.88 2.84 -5.95
N SER A 124 14.46 3.15 -4.77
CA SER A 124 15.94 3.13 -4.58
C SER A 124 16.50 1.72 -4.67
N LYS A 125 15.65 0.71 -4.43
CA LYS A 125 16.00 -0.71 -4.47
C LYS A 125 15.60 -1.34 -5.80
N GLN A 126 15.07 -0.53 -6.75
CA GLN A 126 14.62 -0.99 -8.06
C GLN A 126 13.51 -2.04 -7.94
N PHE A 127 12.68 -1.89 -6.89
CA PHE A 127 11.57 -2.81 -6.68
C PHE A 127 10.31 -2.11 -7.15
N LEU A 128 9.53 -2.78 -8.00
CA LEU A 128 8.25 -2.25 -8.47
C LEU A 128 7.15 -2.95 -7.71
N HIS A 129 6.28 -2.16 -7.06
CA HIS A 129 5.23 -2.72 -6.24
C HIS A 129 4.10 -3.32 -7.10
N ARG A 130 3.60 -2.55 -8.08
CA ARG A 130 2.56 -2.95 -9.05
C ARG A 130 1.11 -2.94 -8.53
N ASP A 131 0.88 -2.80 -7.22
CA ASP A 131 -0.50 -2.73 -6.74
CA ASP A 131 -0.45 -2.84 -6.64
C ASP A 131 -0.63 -1.76 -5.57
N LEU A 132 -0.05 -0.58 -5.77
CA LEU A 132 -0.17 0.44 -4.75
C LEU A 132 -1.60 0.99 -4.74
N ALA A 133 -2.23 0.98 -3.53
CA ALA A 133 -3.62 1.43 -3.38
C ALA A 133 -3.91 1.47 -1.88
N ALA A 134 -4.91 2.26 -1.45
CA ALA A 134 -5.20 2.37 -0.02
C ALA A 134 -5.62 1.01 0.59
N ARG A 135 -6.21 0.11 -0.19
CA ARG A 135 -6.54 -1.22 0.35
C ARG A 135 -5.29 -2.03 0.67
N ASN A 136 -4.10 -1.65 0.11
CA ASN A 136 -2.86 -2.42 0.25
C ASN A 136 -1.87 -1.78 1.21
N CYS A 137 -2.34 -0.78 1.98
CA CYS A 137 -1.53 -0.17 3.03
C CYS A 137 -2.23 -0.50 4.33
N LEU A 138 -1.44 -0.57 5.40
CA LEU A 138 -1.97 -0.82 6.74
C LEU A 138 -1.65 0.37 7.65
N VAL A 139 -2.37 0.50 8.78
CA VAL A 139 -2.23 1.63 9.69
C VAL A 139 -2.00 1.12 11.11
N ASN A 140 -0.98 1.64 11.81
CA ASN A 140 -0.72 1.15 13.18
C ASN A 140 -1.52 1.94 14.19
N ASP A 141 -1.31 1.61 15.48
CA ASP A 141 -2.03 2.25 16.59
C ASP A 141 -1.73 3.74 16.69
N GLN A 142 -0.58 4.21 16.17
CA GLN A 142 -0.21 5.62 16.20
C GLN A 142 -0.70 6.38 14.95
N GLY A 143 -1.42 5.68 14.06
CA GLY A 143 -1.90 6.35 12.86
C GLY A 143 -0.87 6.40 11.74
N VAL A 144 0.26 5.66 11.90
CA VAL A 144 1.30 5.65 10.85
C VAL A 144 0.86 4.71 9.74
N VAL A 145 0.96 5.17 8.48
CA VAL A 145 0.60 4.36 7.34
C VAL A 145 1.86 3.66 6.82
N LYS A 146 1.72 2.36 6.51
CA LYS A 146 2.82 1.59 5.95
C LYS A 146 2.34 0.79 4.75
N VAL A 147 3.19 0.70 3.71
CA VAL A 147 2.84 -0.08 2.54
C VAL A 147 3.02 -1.56 2.81
N SER A 148 2.05 -2.39 2.37
CA SER A 148 2.08 -3.84 2.53
C SER A 148 1.79 -4.45 1.13
N ASP A 149 1.28 -5.69 1.08
CA ASP A 149 0.95 -6.36 -0.19
C ASP A 149 2.15 -6.49 -1.14
N PHE A 150 3.30 -6.90 -0.60
CA PHE A 150 4.48 -7.16 -1.42
C PHE A 150 5.12 -8.46 -0.91
N GLY A 151 5.48 -9.35 -1.83
CA GLY A 151 6.02 -10.66 -1.44
C GLY A 151 5.01 -11.46 -0.64
N LEU A 152 5.46 -12.11 0.46
CA LEU A 152 4.59 -12.94 1.31
C LEU A 152 3.37 -12.19 1.85
N SER A 153 3.52 -10.86 2.11
CA SER A 153 2.44 -10.05 2.68
C SER A 153 1.22 -9.93 1.74
N ARG A 154 1.34 -10.28 0.43
CA ARG A 154 0.19 -10.29 -0.50
C ARG A 154 -0.81 -11.35 -0.03
N TYR A 155 -0.29 -12.49 0.45
CA TYR A 155 -1.07 -13.63 0.93
C TYR A 155 -1.63 -13.35 2.32
N VAL A 156 -0.92 -12.55 3.12
CA VAL A 156 -1.33 -12.16 4.47
C VAL A 156 -2.66 -11.40 4.44
N LEU A 157 -2.74 -10.33 3.64
CA LEU A 157 -3.96 -9.54 3.56
C LEU A 157 -5.02 -10.10 2.57
N ASP A 158 -4.90 -11.39 2.17
CA ASP A 158 -5.83 -12.08 1.26
C ASP A 158 -6.14 -11.25 0.01
N ASP A 159 -5.08 -10.71 -0.62
CA ASP A 159 -5.18 -9.86 -1.81
C ASP A 159 -6.06 -10.48 -2.90
N GLU A 160 -7.09 -9.71 -3.33
CA GLU A 160 -8.05 -10.12 -4.36
C GLU A 160 -7.40 -10.33 -5.73
N TYR A 161 -6.38 -9.51 -6.09
CA TYR A 161 -5.65 -9.70 -7.35
C TYR A 161 -4.94 -11.07 -7.35
N THR A 162 -4.28 -11.41 -6.21
CA THR A 162 -3.58 -12.68 -6.03
C THR A 162 -4.56 -13.86 -5.95
N SER A 163 -5.65 -13.73 -5.17
CA SER A 163 -6.65 -14.80 -4.99
C SER A 163 -7.50 -15.07 -6.23
N SER A 164 -7.70 -14.04 -7.10
CA SER A 164 -8.48 -14.17 -8.33
C SER A 164 -7.63 -14.66 -9.51
N VAL A 165 -6.34 -15.03 -9.25
CA VAL A 165 -5.38 -15.50 -10.25
C VAL A 165 -5.15 -14.41 -11.34
N GLY A 166 -5.14 -13.14 -10.90
CA GLY A 166 -4.93 -11.98 -11.76
C GLY A 166 -6.15 -11.45 -12.53
N SER A 167 -7.35 -12.01 -12.28
CA SER A 167 -8.61 -11.60 -12.91
C SER A 167 -9.08 -10.21 -12.43
N LYS A 168 -8.99 -9.93 -11.11
CA LYS A 168 -9.38 -8.64 -10.55
C LYS A 168 -8.20 -7.68 -10.67
N PHE A 169 -8.11 -7.02 -11.82
CA PHE A 169 -6.99 -6.12 -12.10
C PHE A 169 -7.24 -4.71 -11.54
N PRO A 170 -6.21 -4.02 -10.98
CA PRO A 170 -6.47 -2.66 -10.42
C PRO A 170 -6.54 -1.58 -11.51
N VAL A 171 -7.56 -1.69 -12.38
CA VAL A 171 -7.76 -0.75 -13.48
C VAL A 171 -7.71 0.71 -13.02
N ARG A 172 -8.42 1.02 -11.92
CA ARG A 172 -8.57 2.38 -11.47
C ARG A 172 -7.31 3.01 -10.92
N TRP A 173 -6.25 2.19 -10.70
CA TRP A 173 -4.96 2.69 -10.22
C TRP A 173 -3.88 2.58 -11.34
N SER A 174 -4.29 2.30 -12.58
CA SER A 174 -3.33 2.06 -13.65
C SER A 174 -3.26 3.18 -14.70
N PRO A 175 -2.03 3.48 -15.19
CA PRO A 175 -1.87 4.50 -16.25
C PRO A 175 -2.27 3.93 -17.60
N PRO A 176 -2.44 4.82 -18.62
CA PRO A 176 -2.88 4.34 -19.94
C PRO A 176 -1.96 3.29 -20.57
N GLU A 177 -0.65 3.38 -20.33
CA GLU A 177 0.23 2.40 -20.99
C GLU A 177 0.13 0.99 -20.38
N VAL A 178 -0.31 0.86 -19.12
CA VAL A 178 -0.54 -0.43 -18.51
C VAL A 178 -1.84 -0.97 -19.10
N LEU A 179 -2.89 -0.12 -19.12
CA LEU A 179 -4.19 -0.58 -19.63
C LEU A 179 -4.14 -1.01 -21.09
N MET A 180 -3.39 -0.27 -21.90
CA MET A 180 -3.34 -0.61 -23.32
C MET A 180 -2.33 -1.67 -23.69
N TYR A 181 -1.15 -1.65 -23.06
CA TYR A 181 -0.04 -2.48 -23.52
C TYR A 181 0.66 -3.29 -22.46
N SER A 182 0.18 -3.26 -21.19
CA SER A 182 0.86 -3.97 -20.09
C SER A 182 2.30 -3.45 -19.88
N LYS A 183 2.51 -2.14 -20.09
CA LYS A 183 3.80 -1.47 -19.89
C LYS A 183 3.95 -1.03 -18.41
N PHE A 184 4.48 -1.94 -17.57
CA PHE A 184 4.74 -1.68 -16.15
C PHE A 184 6.08 -1.05 -16.01
N SER A 185 6.20 -0.01 -15.14
CA SER A 185 7.48 0.63 -14.91
C SER A 185 7.43 1.41 -13.62
N SER A 186 8.56 2.03 -13.23
CA SER A 186 8.50 2.88 -12.04
C SER A 186 7.34 3.91 -12.18
N LYS A 187 7.11 4.39 -13.41
CA LYS A 187 6.10 5.40 -13.70
C LYS A 187 4.67 4.88 -13.58
N SER A 188 4.43 3.53 -13.55
CA SER A 188 3.07 3.04 -13.29
C SER A 188 2.85 3.00 -11.77
N ASP A 189 3.94 2.81 -10.97
CA ASP A 189 3.78 2.95 -9.53
C ASP A 189 3.55 4.42 -9.20
N ILE A 190 4.24 5.37 -9.93
CA ILE A 190 4.02 6.80 -9.67
C ILE A 190 2.52 7.14 -9.90
N TRP A 191 1.96 6.66 -11.03
CA TRP A 191 0.55 6.95 -11.35
C TRP A 191 -0.33 6.44 -10.18
N ALA A 192 -0.10 5.19 -9.73
CA ALA A 192 -0.92 4.56 -8.67
C ALA A 192 -0.81 5.38 -7.40
N PHE A 193 0.39 5.90 -7.11
CA PHE A 193 0.55 6.77 -5.95
C PHE A 193 -0.35 8.01 -6.02
N GLY A 194 -0.44 8.64 -7.19
CA GLY A 194 -1.31 9.80 -7.28
C GLY A 194 -2.76 9.42 -6.99
N VAL A 195 -3.19 8.25 -7.51
CA VAL A 195 -4.56 7.76 -7.22
C VAL A 195 -4.69 7.53 -5.72
N LEU A 196 -3.66 6.94 -5.06
CA LEU A 196 -3.69 6.76 -3.62
CA LEU A 196 -3.68 6.76 -3.62
C LEU A 196 -3.84 8.12 -2.89
N MET A 197 -3.10 9.15 -3.34
CA MET A 197 -3.27 10.48 -2.71
C MET A 197 -4.73 10.93 -2.86
N TRP A 198 -5.34 10.67 -4.03
CA TRP A 198 -6.73 11.03 -4.27
C TRP A 198 -7.65 10.22 -3.32
N GLU A 199 -7.36 8.92 -3.11
CA GLU A 199 -8.16 8.13 -2.15
C GLU A 199 -8.08 8.74 -0.78
N ILE A 200 -6.88 9.15 -0.37
CA ILE A 200 -6.72 9.73 0.98
C ILE A 200 -7.54 11.03 1.11
N TYR A 201 -7.36 11.98 0.17
CA TYR A 201 -8.05 13.27 0.26
C TYR A 201 -9.56 13.20 0.03
N SER A 202 -10.04 12.07 -0.55
CA SER A 202 -11.46 11.84 -0.76
CA SER A 202 -11.47 11.89 -0.75
C SER A 202 -12.06 11.04 0.39
N LEU A 203 -11.24 10.74 1.44
CA LEU A 203 -11.70 9.94 2.58
C LEU A 203 -12.19 8.55 2.12
N GLY A 204 -11.44 7.96 1.21
CA GLY A 204 -11.64 6.57 0.80
C GLY A 204 -12.70 6.32 -0.26
N LYS A 205 -13.03 7.33 -1.08
CA LYS A 205 -13.99 7.08 -2.17
C LYS A 205 -13.31 6.15 -3.18
N MET A 206 -14.12 5.39 -3.91
CA MET A 206 -13.65 4.57 -5.02
CA MET A 206 -13.59 4.58 -5.00
C MET A 206 -13.26 5.54 -6.15
N PRO A 207 -12.02 5.49 -6.72
CA PRO A 207 -11.72 6.41 -7.82
C PRO A 207 -12.69 6.13 -9.00
N TYR A 208 -13.16 7.19 -9.69
CA TYR A 208 -14.07 7.12 -10.86
C TYR A 208 -15.33 6.33 -10.40
N GLU A 209 -15.86 6.70 -9.21
CA GLU A 209 -16.89 5.92 -8.50
C GLU A 209 -18.16 5.64 -9.26
N ARG A 210 -18.54 6.44 -10.26
CA ARG A 210 -19.79 6.12 -10.97
C ARG A 210 -19.54 5.41 -12.31
N PHE A 211 -18.29 5.04 -12.58
CA PHE A 211 -17.91 4.30 -13.81
C PHE A 211 -17.52 2.90 -13.49
N THR A 212 -17.70 1.97 -14.45
CA THR A 212 -17.21 0.62 -14.28
C THR A 212 -15.71 0.70 -14.65
N ASN A 213 -14.99 -0.42 -14.49
CA ASN A 213 -13.58 -0.54 -14.88
C ASN A 213 -13.44 -0.33 -16.37
N SER A 214 -14.36 -0.92 -17.19
CA SER A 214 -14.29 -0.73 -18.65
C SER A 214 -14.42 0.72 -19.07
N GLU A 215 -15.39 1.45 -18.49
CA GLU A 215 -15.60 2.85 -18.76
C GLU A 215 -14.41 3.67 -18.30
N THR A 216 -13.83 3.33 -17.11
CA THR A 216 -12.68 4.06 -16.60
C THR A 216 -11.51 3.96 -17.61
N ALA A 217 -11.24 2.74 -18.13
CA ALA A 217 -10.12 2.55 -19.08
C ALA A 217 -10.33 3.40 -20.33
N GLU A 218 -11.58 3.46 -20.82
CA GLU A 218 -11.94 4.26 -22.00
C GLU A 218 -11.79 5.75 -21.72
N HIS A 219 -12.29 6.23 -20.57
CA HIS A 219 -12.18 7.65 -20.25
C HIS A 219 -10.72 8.10 -20.02
N ILE A 220 -9.90 7.26 -19.35
CA ILE A 220 -8.45 7.50 -19.12
C ILE A 220 -7.74 7.74 -20.46
N ALA A 221 -8.04 6.87 -21.43
CA ALA A 221 -7.51 6.91 -22.81
C ALA A 221 -7.87 8.25 -23.48
N GLN A 222 -9.08 8.79 -23.18
CA GLN A 222 -9.58 10.06 -23.69
C GLN A 222 -9.04 11.28 -22.90
N GLY A 223 -8.21 11.04 -21.88
CA GLY A 223 -7.63 12.13 -21.11
C GLY A 223 -8.39 12.51 -19.85
N LEU A 224 -9.37 11.71 -19.41
CA LEU A 224 -10.09 12.01 -18.16
C LEU A 224 -9.08 11.89 -17.01
N ARG A 225 -9.19 12.79 -16.03
CA ARG A 225 -8.39 12.72 -14.81
C ARG A 225 -9.32 12.89 -13.61
N LEU A 226 -8.92 12.31 -12.43
CA LEU A 226 -9.68 12.50 -11.20
C LEU A 226 -9.72 13.98 -10.81
N TYR A 227 -10.90 14.46 -10.41
CA TYR A 227 -11.09 15.83 -9.94
C TYR A 227 -10.36 16.08 -8.63
N ARG A 228 -10.19 17.38 -8.30
CA ARG A 228 -9.58 17.78 -7.04
C ARG A 228 -10.56 17.49 -5.89
N PRO A 229 -10.21 16.61 -4.92
CA PRO A 229 -11.10 16.43 -3.77
C PRO A 229 -11.16 17.77 -3.01
N HIS A 230 -12.33 18.11 -2.40
CA HIS A 230 -12.49 19.36 -1.67
C HIS A 230 -11.45 19.56 -0.56
N LEU A 231 -10.97 18.44 0.07
CA LEU A 231 -9.97 18.54 1.15
C LEU A 231 -8.56 18.87 0.66
N ALA A 232 -8.31 18.70 -0.65
CA ALA A 232 -6.99 18.95 -1.21
C ALA A 232 -6.84 20.39 -1.66
N SER A 233 -5.80 21.08 -1.16
CA SER A 233 -5.52 22.44 -1.60
C SER A 233 -5.04 22.35 -3.07
N GLU A 234 -4.96 23.48 -3.75
CA GLU A 234 -4.43 23.48 -5.12
C GLU A 234 -2.98 22.96 -5.16
N LYS A 235 -2.14 23.31 -4.17
CA LYS A 235 -0.76 22.79 -4.15
C LYS A 235 -0.73 21.26 -3.96
N VAL A 236 -1.61 20.70 -3.10
CA VAL A 236 -1.63 19.23 -2.92
C VAL A 236 -2.15 18.58 -4.23
N TYR A 237 -3.18 19.20 -4.84
CA TYR A 237 -3.71 18.66 -6.09
C TYR A 237 -2.65 18.64 -7.19
N THR A 238 -1.82 19.68 -7.27
CA THR A 238 -0.73 19.73 -8.26
C THR A 238 0.18 18.51 -8.11
N ILE A 239 0.47 18.11 -6.86
CA ILE A 239 1.34 16.96 -6.63
C ILE A 239 0.66 15.69 -7.16
N MET A 240 -0.58 15.41 -6.72
CA MET A 240 -1.21 14.18 -7.21
C MET A 240 -1.38 14.19 -8.75
N TYR A 241 -1.73 15.36 -9.31
CA TYR A 241 -1.98 15.48 -10.76
C TYR A 241 -0.71 15.26 -11.58
N SER A 242 0.47 15.60 -11.01
CA SER A 242 1.75 15.44 -11.69
C SER A 242 2.03 13.97 -11.92
N CYS A 243 1.39 13.07 -11.14
CA CYS A 243 1.55 11.63 -11.26
C CYS A 243 0.86 11.09 -12.49
N TRP A 244 -0.02 11.89 -13.12
CA TRP A 244 -0.91 11.42 -14.17
C TRP A 244 -0.62 12.00 -15.56
N HIS A 245 0.61 12.47 -15.78
CA HIS A 245 1.02 12.90 -17.10
C HIS A 245 0.81 11.76 -18.10
N GLU A 246 0.22 12.06 -19.27
CA GLU A 246 -0.01 11.05 -20.28
C GLU A 246 1.34 10.41 -20.66
N LYS A 247 2.40 11.21 -20.78
CA LYS A 247 3.73 10.70 -21.08
C LYS A 247 4.36 10.24 -19.77
N ALA A 248 4.63 8.92 -19.67
CA ALA A 248 5.23 8.34 -18.46
C ALA A 248 6.52 9.04 -18.07
N ASP A 249 7.36 9.42 -19.04
CA ASP A 249 8.65 10.05 -18.73
C ASP A 249 8.52 11.46 -18.16
N GLU A 250 7.32 12.08 -18.25
CA GLU A 250 7.09 13.42 -17.71
C GLU A 250 6.60 13.35 -16.23
N ARG A 251 6.31 12.12 -15.75
CA ARG A 251 5.88 11.94 -14.34
C ARG A 251 7.12 12.04 -13.42
N PRO A 252 6.95 12.55 -12.19
CA PRO A 252 8.10 12.67 -11.28
C PRO A 252 8.55 11.32 -10.74
N THR A 253 9.64 11.35 -9.99
CA THR A 253 10.12 10.20 -9.25
C THR A 253 9.55 10.33 -7.84
N PHE A 254 9.68 9.27 -7.03
CA PHE A 254 9.23 9.34 -5.65
C PHE A 254 10.08 10.32 -4.82
N LYS A 255 11.37 10.46 -5.17
CA LYS A 255 12.25 11.41 -4.45
C LYS A 255 11.71 12.83 -4.70
N ILE A 256 11.31 13.13 -5.95
CA ILE A 256 10.73 14.43 -6.26
C ILE A 256 9.40 14.64 -5.54
N LEU A 257 8.53 13.60 -5.55
CA LEU A 257 7.25 13.72 -4.86
C LEU A 257 7.43 13.97 -3.39
N LEU A 258 8.42 13.29 -2.78
CA LEU A 258 8.66 13.47 -1.36
C LEU A 258 9.05 14.92 -1.07
N SER A 259 9.95 15.49 -1.89
CA SER A 259 10.37 16.86 -1.68
CA SER A 259 10.38 16.87 -1.72
C SER A 259 9.17 17.80 -1.81
N ASN A 260 8.24 17.52 -2.77
CA ASN A 260 7.05 18.35 -2.97
C ASN A 260 6.12 18.29 -1.74
N ILE A 261 5.95 17.09 -1.20
CA ILE A 261 5.12 16.89 -0.04
C ILE A 261 5.70 17.64 1.18
N LEU A 262 7.03 17.52 1.41
CA LEU A 262 7.66 18.24 2.52
C LEU A 262 7.52 19.73 2.37
N ASP A 263 7.62 20.25 1.13
CA ASP A 263 7.48 21.69 0.90
CA ASP A 263 7.47 21.69 0.88
C ASP A 263 6.07 22.15 1.27
N VAL A 264 5.04 21.36 0.92
CA VAL A 264 3.67 21.73 1.30
C VAL A 264 3.48 21.71 2.78
N MET A 265 4.06 20.70 3.48
N MET A 265 4.04 20.69 3.49
CA MET A 265 3.97 20.56 4.94
CA MET A 265 3.94 20.59 4.94
C MET A 265 4.63 21.75 5.63
C MET A 265 4.55 21.85 5.55
N ASP A 266 5.73 22.24 5.07
CA ASP A 266 6.42 23.43 5.59
C ASP A 266 5.65 24.74 5.35
N GLU A 267 4.88 24.80 4.25
CA GLU A 267 4.09 25.96 3.83
C GLU A 267 2.71 26.00 4.51
N GLU A 268 2.16 24.83 4.85
CA GLU A 268 0.83 24.69 5.46
C GLU A 268 0.90 23.84 6.73
C13 LTJ B . -7.91 -7.46 6.12
C18 LTJ B . -9.09 -4.46 3.91
C17 LTJ B . -7.58 -6.45 9.82
C16 LTJ B . -6.40 -4.94 12.30
C15 LTJ B . -8.53 -5.19 5.15
C19 LTJ B . -9.05 -3.15 3.74
C20 LTJ B . -9.69 -2.58 2.47
C11 LTJ B . -7.76 -9.84 6.93
C12 LTJ B . -8.18 -8.93 5.77
C1 LTJ B . -4.92 -7.76 8.34
N1 LTJ B . -6.05 -8.16 7.52
C2 LTJ B . -3.62 -8.13 7.95
C3 LTJ B . -2.49 -7.79 8.66
C4 LTJ B . -2.64 -6.99 9.79
C5 LTJ B . -3.91 -6.59 10.17
C6 LTJ B . -5.11 -6.93 9.46
C7 LTJ B . -1.43 -6.55 10.60
O1 LTJ B . -1.59 -6.15 11.72
N2 LTJ B . -0.11 -6.62 10.02
F1 LTJ B . -3.42 -8.87 6.83
N3 LTJ B . -4.31 -5.79 11.23
C8 LTJ B . -5.64 -5.71 11.22
C9 LTJ B . -6.08 -6.35 10.16
C10 LTJ B . -6.30 -9.60 7.32
C14 LTJ B . -6.44 -7.25 6.46
N4 LTJ B . -8.35 -6.61 5.01
O2 LTJ B . -8.26 -4.62 6.16
#